data_8FKD
#
_entry.id   8FKD
#
_cell.length_a   62.125
_cell.length_b   62.125
_cell.length_c   162.209
_cell.angle_alpha   90.000
_cell.angle_beta   90.000
_cell.angle_gamma   90.000
#
_symmetry.space_group_name_H-M   'P 41 21 2'
#
loop_
_entity.id
_entity.type
_entity.pdbx_description
1 polymer 'Peroxisome proliferator-activated receptor gamma'
2 polymer 'Nuclear receptor corepressor 1'
3 non-polymer 2-chloro-N-(6-cyanopyridin-3-yl)-5-nitrobenzamide
4 non-polymer 1,2-ETHANEDIOL
5 water water
#
loop_
_entity_poly.entity_id
_entity_poly.type
_entity_poly.pdbx_seq_one_letter_code
_entity_poly.pdbx_strand_id
1 'polypeptide(L)'
;GQLNPESADLRALAKHLYDSYIKSFPLTKAKARAILTGKTTDKSPFVIYDMNSLMMGEDKIKFKHITPLQEQSKEVAIRI
FQGCQFRSVEAVQEITEYAKSIPGFVNLDLNDQVTLLKYGVHEIIYTMLASLMNKDGVLISEGQGFMTREFLKSLRKPFG
DFMEPKFEFAVKFNALELDDSDLAIFIAVIILSGDRPGLLNVKPIEDIQDNLLQALELQLKLNHPESSQLFAKLLQKMTD
LRQIVTEHVQLLQVIKKTETDMSLHPLLQEIYKDLY
;
A
2 'polypeptide(L)' DPASNLGLEDIIRKALMGSFDDK D
#
# COMPACT_ATOMS: atom_id res chain seq x y z
N GLY A 1 -27.56 -16.96 -6.64
CA GLY A 1 -26.31 -17.36 -7.26
C GLY A 1 -26.25 -18.85 -7.54
N GLN A 2 -25.52 -19.22 -8.59
CA GLN A 2 -25.39 -20.60 -8.99
C GLN A 2 -23.94 -20.92 -9.31
N LEU A 3 -23.57 -22.19 -9.14
CA LEU A 3 -22.25 -22.69 -9.50
C LEU A 3 -22.31 -23.15 -10.95
N ASN A 4 -22.14 -22.20 -11.86
CA ASN A 4 -22.23 -22.43 -13.30
C ASN A 4 -20.83 -22.36 -13.91
N PRO A 5 -20.67 -22.55 -15.23
CA PRO A 5 -19.35 -22.33 -15.83
C PRO A 5 -18.74 -20.98 -15.52
N GLU A 6 -19.54 -19.91 -15.54
CA GLU A 6 -19.00 -18.58 -15.33
C GLU A 6 -18.47 -18.41 -13.90
N SER A 7 -19.17 -18.95 -12.92
CA SER A 7 -18.69 -18.86 -11.55
C SER A 7 -17.43 -19.71 -11.35
N ALA A 8 -17.36 -20.86 -12.03
CA ALA A 8 -16.16 -21.68 -11.96
C ALA A 8 -14.94 -20.93 -12.49
N ASP A 9 -15.11 -20.20 -13.60
CA ASP A 9 -14.01 -19.42 -14.15
C ASP A 9 -13.60 -18.31 -13.20
N LEU A 10 -14.57 -17.63 -12.59
CA LEU A 10 -14.25 -16.56 -11.65
C LEU A 10 -13.49 -17.09 -10.43
N ARG A 11 -13.77 -18.32 -10.03
CA ARG A 11 -12.98 -18.95 -8.97
C ARG A 11 -11.58 -19.31 -9.46
N ALA A 12 -11.46 -19.70 -10.73
CA ALA A 12 -10.14 -19.96 -11.29
C ALA A 12 -9.32 -18.69 -11.39
N LEU A 13 -9.97 -17.56 -11.71
CA LEU A 13 -9.26 -16.29 -11.79
C LEU A 13 -8.80 -15.82 -10.41
N ALA A 14 -9.63 -16.03 -9.38
CA ALA A 14 -9.24 -15.66 -8.04
C ALA A 14 -8.05 -16.49 -7.56
N LYS A 15 -8.04 -17.78 -7.89
CA LYS A 15 -6.90 -18.63 -7.54
C LYS A 15 -5.65 -18.20 -8.30
N HIS A 16 -5.79 -17.90 -9.59
CA HIS A 16 -4.64 -17.46 -10.39
C HIS A 16 -4.05 -16.17 -9.85
N LEU A 17 -4.90 -15.23 -9.44
CA LEU A 17 -4.41 -13.98 -8.88
C LEU A 17 -3.77 -14.22 -7.50
N TYR A 18 -4.33 -15.13 -6.71
CA TYR A 18 -3.75 -15.41 -5.40
C TYR A 18 -2.37 -16.03 -5.53
N ASP A 19 -2.22 -17.00 -6.44
CA ASP A 19 -0.92 -17.63 -6.62
C ASP A 19 0.12 -16.64 -7.13
N SER A 20 -0.29 -15.75 -8.03
CA SER A 20 0.62 -14.71 -8.52
C SER A 20 0.92 -13.68 -7.43
N TYR A 21 -0.08 -13.38 -6.59
CA TYR A 21 0.12 -12.48 -5.46
C TYR A 21 1.18 -13.02 -4.50
N ILE A 22 1.12 -14.32 -4.21
CA ILE A 22 2.09 -14.92 -3.28
C ILE A 22 3.49 -14.89 -3.87
N LYS A 23 3.61 -15.15 -5.18
CA LYS A 23 4.92 -15.14 -5.81
C LYS A 23 5.53 -13.74 -5.85
N SER A 24 4.70 -12.70 -5.94
CA SER A 24 5.19 -11.35 -6.16
C SER A 24 5.43 -10.58 -4.88
N PHE A 25 4.59 -10.77 -3.86
CA PHE A 25 4.70 -10.01 -2.62
C PHE A 25 5.15 -10.92 -1.48
N PRO A 26 6.43 -10.86 -1.08
CA PRO A 26 6.89 -11.70 0.03
C PRO A 26 6.30 -11.32 1.38
N LEU A 27 5.86 -10.07 1.55
CA LEU A 27 5.31 -9.60 2.82
C LEU A 27 3.80 -9.61 2.72
N THR A 28 3.20 -10.73 3.13
CA THR A 28 1.75 -10.88 3.10
C THR A 28 1.12 -10.33 4.36
N LYS A 29 -0.20 -10.14 4.30
CA LYS A 29 -0.92 -9.67 5.49
C LYS A 29 -0.82 -10.69 6.62
N ALA A 30 -0.90 -11.98 6.29
CA ALA A 30 -0.86 -13.02 7.30
C ALA A 30 0.43 -12.98 8.10
N LYS A 31 1.57 -12.78 7.42
CA LYS A 31 2.85 -12.67 8.11
C LYS A 31 2.87 -11.46 9.03
N ALA A 32 2.34 -10.33 8.56
CA ALA A 32 2.31 -9.13 9.38
C ALA A 32 1.41 -9.30 10.59
N ARG A 33 0.26 -9.95 10.42
CA ARG A 33 -0.67 -10.13 11.53
C ARG A 33 -0.08 -11.07 12.59
N ALA A 34 0.68 -12.07 12.15
CA ALA A 34 1.32 -12.97 13.11
C ALA A 34 2.30 -12.23 14.00
N ILE A 35 3.07 -11.31 13.42
CA ILE A 35 4.01 -10.51 14.20
C ILE A 35 3.25 -9.59 15.15
N LEU A 36 2.23 -8.90 14.63
CA LEU A 36 1.51 -7.92 15.43
C LEU A 36 0.78 -8.57 16.61
N THR A 37 0.26 -9.78 16.41
CA THR A 37 -0.41 -10.51 17.48
C THR A 37 0.54 -11.42 18.25
N GLY A 38 1.84 -11.28 18.05
CA GLY A 38 2.83 -12.01 18.82
C GLY A 38 2.90 -13.50 18.54
N LYS A 39 2.31 -13.98 17.47
CA LYS A 39 2.29 -15.42 17.20
C LYS A 39 3.62 -15.92 16.65
N THR A 40 4.50 -15.04 16.19
CA THR A 40 5.80 -15.45 15.65
C THR A 40 6.84 -15.37 16.75
N THR A 41 7.36 -16.53 17.15
CA THR A 41 8.42 -16.60 18.16
C THR A 41 9.79 -16.25 17.59
N ASP A 42 9.89 -15.99 16.28
CA ASP A 42 11.19 -15.85 15.63
C ASP A 42 11.60 -14.40 15.38
N LYS A 43 10.72 -13.44 15.63
CA LYS A 43 11.07 -12.04 15.36
C LYS A 43 10.26 -11.08 16.23
N SER A 44 10.46 -11.17 17.54
CA SER A 44 9.82 -10.23 18.47
C SER A 44 10.37 -8.83 18.23
N PRO A 45 9.58 -7.87 17.77
CA PRO A 45 10.13 -6.57 17.40
C PRO A 45 10.23 -5.63 18.59
N PHE A 46 11.23 -4.76 18.53
CA PHE A 46 11.41 -3.74 19.55
C PHE A 46 10.36 -2.65 19.40
N VAL A 47 9.94 -2.08 20.52
CA VAL A 47 8.89 -1.08 20.57
C VAL A 47 9.52 0.28 20.79
N ILE A 48 9.31 1.20 19.87
CA ILE A 48 9.77 2.59 19.99
C ILE A 48 8.55 3.45 20.28
N TYR A 49 8.44 3.93 21.52
CA TYR A 49 7.28 4.67 21.96
C TYR A 49 7.60 6.08 22.45
N ASP A 50 8.87 6.45 22.58
CA ASP A 50 9.25 7.79 23.01
C ASP A 50 10.70 8.03 22.61
N MET A 51 11.20 9.23 22.90
CA MET A 51 12.56 9.57 22.53
C MET A 51 13.59 8.72 23.27
N ASN A 52 13.27 8.26 24.47
CA ASN A 52 14.23 7.46 25.23
C ASN A 52 14.36 6.06 24.65
N SER A 53 13.23 5.41 24.34
CA SER A 53 13.29 4.10 23.71
C SER A 53 13.83 4.19 22.28
N LEU A 54 13.62 5.33 21.62
CA LEU A 54 14.20 5.53 20.29
C LEU A 54 15.72 5.45 20.34
N MET A 55 16.34 6.10 21.33
CA MET A 55 17.78 6.10 21.43
C MET A 55 18.32 4.76 21.96
N MET A 56 17.51 4.03 22.72
CA MET A 56 17.89 2.66 23.09
C MET A 56 17.75 1.70 21.93
N GLY A 57 16.99 2.05 20.90
CA GLY A 57 16.79 1.18 19.76
C GLY A 57 17.69 1.51 18.59
N GLU A 58 18.80 2.21 18.86
CA GLU A 58 19.75 2.52 17.79
C GLU A 58 20.36 1.26 17.19
N ASP A 59 20.39 0.17 17.95
CA ASP A 59 20.94 -1.08 17.44
C ASP A 59 20.15 -1.58 16.23
N LYS A 60 18.82 -1.57 16.33
CA LYS A 60 18.00 -2.22 15.31
C LYS A 60 17.86 -1.37 14.04
N ILE A 61 17.74 -0.05 14.19
CA ILE A 61 17.57 0.84 13.04
C ILE A 61 18.88 0.88 12.27
N LYS A 62 18.90 0.25 11.10
CA LYS A 62 20.09 0.15 10.28
C LYS A 62 20.05 1.25 9.20
N PHE A 63 21.03 2.13 9.23
CA PHE A 63 21.09 3.25 8.28
C PHE A 63 21.34 2.77 6.85
N GLN A 72 20.37 14.00 -3.31
CA GLN A 72 20.35 14.24 -1.87
C GLN A 72 20.04 15.70 -1.56
N SER A 73 18.81 15.97 -1.12
CA SER A 73 18.38 17.33 -0.85
C SER A 73 18.84 17.77 0.55
N LYS A 74 18.49 18.99 0.91
CA LYS A 74 18.86 19.59 2.19
C LYS A 74 17.72 19.66 3.18
N GLU A 75 16.48 19.84 2.71
CA GLU A 75 15.34 19.86 3.61
C GLU A 75 15.06 18.45 4.12
N VAL A 76 14.81 18.33 5.42
CA VAL A 76 14.68 17.00 6.04
C VAL A 76 13.48 16.26 5.47
N ALA A 77 12.35 16.95 5.33
CA ALA A 77 11.15 16.29 4.83
C ALA A 77 11.31 15.86 3.38
N ILE A 78 11.98 16.68 2.57
CA ILE A 78 12.21 16.31 1.17
C ILE A 78 13.14 15.11 1.08
N ARG A 79 14.17 15.06 1.94
CA ARG A 79 15.08 13.92 1.94
C ARG A 79 14.38 12.67 2.43
N ILE A 80 13.41 12.80 3.34
CA ILE A 80 12.60 11.66 3.75
C ILE A 80 11.78 11.14 2.57
N PHE A 81 11.14 12.05 1.84
CA PHE A 81 10.32 11.66 0.70
C PHE A 81 11.17 11.03 -0.40
N GLN A 82 12.32 11.62 -0.71
CA GLN A 82 13.21 11.05 -1.72
C GLN A 82 13.67 9.65 -1.31
N GLY A 83 13.93 9.45 -0.02
CA GLY A 83 14.46 8.17 0.41
C GLY A 83 13.41 7.07 0.43
N CYS A 84 12.20 7.39 0.93
CA CYS A 84 11.15 6.38 0.95
C CYS A 84 10.66 6.04 -0.46
N GLN A 85 10.69 7.02 -1.36
CA GLN A 85 10.36 6.74 -2.76
C GLN A 85 11.45 5.90 -3.42
N PHE A 86 12.70 6.04 -2.99
CA PHE A 86 13.75 5.16 -3.50
C PHE A 86 13.63 3.76 -2.90
N ARG A 87 13.33 3.68 -1.59
CA ARG A 87 13.10 2.40 -0.95
C ARG A 87 11.88 1.68 -1.48
N SER A 88 10.95 2.41 -2.11
CA SER A 88 9.72 1.83 -2.61
C SER A 88 9.84 1.31 -4.05
N VAL A 89 11.06 1.32 -4.61
CA VAL A 89 11.23 0.83 -5.98
C VAL A 89 10.97 -0.67 -6.04
N GLU A 90 11.39 -1.42 -5.01
CA GLU A 90 11.15 -2.85 -5.01
C GLU A 90 9.65 -3.16 -4.96
N ALA A 91 8.89 -2.36 -4.21
CA ALA A 91 7.44 -2.54 -4.19
C ALA A 91 6.84 -2.25 -5.55
N VAL A 92 7.26 -1.16 -6.19
CA VAL A 92 6.75 -0.81 -7.52
C VAL A 92 7.05 -1.92 -8.52
N GLN A 93 8.24 -2.51 -8.44
CA GLN A 93 8.59 -3.61 -9.33
C GLN A 93 7.80 -4.87 -9.01
N GLU A 94 7.41 -5.06 -7.75
CA GLU A 94 6.59 -6.22 -7.39
C GLU A 94 5.15 -6.03 -7.85
N ILE A 95 4.61 -4.82 -7.69
CA ILE A 95 3.27 -4.52 -8.19
C ILE A 95 3.22 -4.65 -9.71
N THR A 96 4.24 -4.10 -10.39
CA THR A 96 4.30 -4.21 -11.85
C THR A 96 4.40 -5.66 -12.29
N GLU A 97 5.19 -6.47 -11.57
CA GLU A 97 5.27 -7.89 -11.91
C GLU A 97 3.94 -8.58 -11.67
N TYR A 98 3.24 -8.21 -10.59
CA TYR A 98 1.92 -8.76 -10.35
C TYR A 98 0.95 -8.38 -11.46
N ALA A 99 1.04 -7.14 -11.95
CA ALA A 99 0.13 -6.68 -12.99
C ALA A 99 0.24 -7.53 -14.25
N LYS A 100 1.46 -8.00 -14.57
CA LYS A 100 1.67 -8.83 -15.75
C LYS A 100 0.85 -10.12 -15.70
N SER A 101 0.49 -10.58 -14.51
CA SER A 101 -0.30 -11.81 -14.37
C SER A 101 -1.79 -11.58 -14.53
N ILE A 102 -2.25 -10.34 -14.53
CA ILE A 102 -3.67 -10.03 -14.71
C ILE A 102 -4.03 -10.31 -16.16
N PRO A 103 -4.94 -11.25 -16.43
CA PRO A 103 -5.22 -11.63 -17.82
C PRO A 103 -5.72 -10.47 -18.66
N GLY A 104 -4.98 -10.18 -19.73
CA GLY A 104 -5.30 -9.09 -20.64
C GLY A 104 -4.52 -7.82 -20.42
N PHE A 105 -3.77 -7.71 -19.32
CA PHE A 105 -3.11 -6.46 -18.99
C PHE A 105 -1.99 -6.14 -19.99
N VAL A 106 -1.12 -7.12 -20.27
CA VAL A 106 -0.01 -6.88 -21.18
C VAL A 106 -0.44 -6.68 -22.62
N ASN A 107 -1.68 -7.02 -22.96
CA ASN A 107 -2.21 -6.73 -24.28
C ASN A 107 -2.72 -5.31 -24.41
N LEU A 108 -2.92 -4.61 -23.30
CA LEU A 108 -3.32 -3.21 -23.35
C LEU A 108 -2.23 -2.36 -23.97
N ASP A 109 -2.62 -1.17 -24.40
CA ASP A 109 -1.65 -0.21 -24.93
C ASP A 109 -0.58 0.08 -23.89
N LEU A 110 0.68 0.06 -24.32
CA LEU A 110 1.80 0.18 -23.38
C LEU A 110 1.73 1.48 -22.60
N ASN A 111 1.33 2.57 -23.26
CA ASN A 111 1.19 3.85 -22.57
C ASN A 111 0.13 3.76 -21.47
N ASP A 112 -0.95 3.02 -21.72
CA ASP A 112 -1.99 2.85 -20.71
C ASP A 112 -1.49 1.99 -19.56
N GLN A 113 -0.68 0.96 -19.86
CA GLN A 113 -0.09 0.14 -18.80
C GLN A 113 0.73 1.01 -17.85
N VAL A 114 1.56 1.89 -18.40
CA VAL A 114 2.38 2.78 -17.58
C VAL A 114 1.49 3.73 -16.78
N THR A 115 0.46 4.28 -17.43
CA THR A 115 -0.44 5.21 -16.73
C THR A 115 -1.21 4.52 -15.61
N LEU A 116 -1.74 3.32 -15.88
CA LEU A 116 -2.46 2.58 -14.85
C LEU A 116 -1.58 2.30 -13.65
N LEU A 117 -0.31 1.96 -13.88
CA LEU A 117 0.57 1.61 -12.77
C LEU A 117 1.06 2.84 -12.02
N LYS A 118 1.37 3.93 -12.73
CA LYS A 118 1.95 5.09 -12.06
C LYS A 118 0.98 5.74 -11.09
N TYR A 119 -0.32 5.64 -11.33
CA TYR A 119 -1.30 6.09 -10.36
C TYR A 119 -1.66 4.99 -9.36
N GLY A 120 -1.54 3.72 -9.76
CA GLY A 120 -2.02 2.65 -8.91
C GLY A 120 -1.06 2.23 -7.81
N VAL A 121 0.24 2.37 -8.05
CA VAL A 121 1.23 1.86 -7.08
C VAL A 121 1.09 2.57 -5.75
N HIS A 122 0.75 3.87 -5.76
CA HIS A 122 0.62 4.61 -4.52
C HIS A 122 -0.52 4.06 -3.67
N GLU A 123 -1.68 3.83 -4.29
CA GLU A 123 -2.82 3.31 -3.55
C GLU A 123 -2.59 1.89 -3.07
N ILE A 124 -1.85 1.08 -3.84
CA ILE A 124 -1.57 -0.29 -3.44
C ILE A 124 -0.57 -0.31 -2.29
N ILE A 125 0.41 0.59 -2.32
CA ILE A 125 1.39 0.66 -1.23
C ILE A 125 0.69 1.00 0.09
N TYR A 126 -0.25 1.94 0.05
CA TYR A 126 -1.00 2.27 1.26
C TYR A 126 -1.88 1.11 1.71
N THR A 127 -2.45 0.37 0.76
CA THR A 127 -3.25 -0.80 1.12
C THR A 127 -2.41 -1.83 1.86
N MET A 128 -1.18 -2.06 1.42
CA MET A 128 -0.32 -3.03 2.07
C MET A 128 0.35 -2.48 3.33
N LEU A 129 0.51 -1.15 3.43
CA LEU A 129 0.98 -0.56 4.68
C LEU A 129 -0.02 -0.79 5.81
N ALA A 130 -1.32 -0.80 5.48
CA ALA A 130 -2.34 -1.05 6.50
C ALA A 130 -2.18 -2.43 7.13
N SER A 131 -1.64 -3.40 6.38
CA SER A 131 -1.37 -4.72 6.95
C SER A 131 -0.33 -4.64 8.05
N LEU A 132 0.57 -3.66 7.99
CA LEU A 132 1.60 -3.48 9.00
C LEU A 132 1.14 -2.65 10.19
N MET A 133 -0.11 -2.17 10.16
CA MET A 133 -0.60 -1.25 11.17
C MET A 133 -1.69 -1.91 12.01
N ASN A 134 -1.68 -1.59 13.30
CA ASN A 134 -2.84 -1.75 14.17
C ASN A 134 -3.15 -0.39 14.78
N LYS A 135 -4.11 -0.36 15.70
CA LYS A 135 -4.48 0.91 16.32
C LYS A 135 -3.37 1.51 17.17
N ASP A 136 -2.31 0.74 17.47
CA ASP A 136 -1.25 1.19 18.36
C ASP A 136 0.00 1.66 17.62
N GLY A 137 0.23 1.21 16.39
CA GLY A 137 1.44 1.62 15.68
C GLY A 137 1.65 0.80 14.42
N VAL A 138 2.88 0.85 13.93
CA VAL A 138 3.24 0.29 12.63
C VAL A 138 4.58 -0.42 12.73
N LEU A 139 4.72 -1.52 11.97
CA LEU A 139 5.98 -2.25 11.91
C LEU A 139 6.97 -1.54 11.01
N ILE A 140 8.25 -1.56 11.41
CA ILE A 140 9.32 -0.91 10.67
C ILE A 140 10.53 -1.84 10.64
N SER A 141 11.50 -1.49 9.79
CA SER A 141 12.77 -2.21 9.68
C SER A 141 12.55 -3.71 9.46
N GLU A 142 11.65 -4.03 8.52
CA GLU A 142 11.37 -5.41 8.13
C GLU A 142 10.87 -6.24 9.31
N GLY A 143 9.93 -5.67 10.07
CA GLY A 143 9.34 -6.37 11.19
C GLY A 143 10.19 -6.49 12.42
N GLN A 144 11.36 -5.85 12.45
CA GLN A 144 12.24 -5.88 13.61
C GLN A 144 11.94 -4.77 14.61
N GLY A 145 11.06 -3.82 14.26
CA GLY A 145 10.71 -2.75 15.15
C GLY A 145 9.24 -2.42 15.07
N PHE A 146 8.77 -1.68 16.06
CA PHE A 146 7.37 -1.26 16.13
C PHE A 146 7.32 0.19 16.58
N MET A 147 6.84 1.06 15.70
CA MET A 147 6.76 2.49 15.96
C MET A 147 5.33 2.84 16.33
N THR A 148 5.13 3.38 17.53
CA THR A 148 3.77 3.62 18.01
C THR A 148 3.14 4.82 17.30
N ARG A 149 1.82 4.79 17.23
CA ARG A 149 1.07 5.82 16.51
C ARG A 149 1.13 7.16 17.23
N GLU A 150 1.03 7.15 18.56
CA GLU A 150 0.99 8.40 19.32
C GLU A 150 2.37 9.06 19.36
N PHE A 151 3.45 8.27 19.36
CA PHE A 151 4.79 8.86 19.32
C PHE A 151 5.01 9.59 17.99
N LEU A 152 4.64 8.96 16.88
CA LEU A 152 4.69 9.63 15.59
C LEU A 152 3.86 10.91 15.61
N LYS A 153 2.65 10.83 16.16
CA LYS A 153 1.75 11.98 16.20
C LYS A 153 2.28 13.12 17.06
N SER A 154 3.16 12.82 18.01
CA SER A 154 3.66 13.83 18.94
C SER A 154 4.85 14.61 18.41
N LEU A 155 5.44 14.18 17.30
CA LEU A 155 6.61 14.85 16.76
C LEU A 155 6.26 16.26 16.27
N ARG A 156 7.29 17.10 16.19
CA ARG A 156 7.08 18.49 15.79
C ARG A 156 6.46 18.57 14.40
N LYS A 157 5.75 19.67 14.16
CA LYS A 157 5.17 19.90 12.85
C LYS A 157 6.27 20.20 11.83
N PRO A 158 6.08 19.79 10.58
CA PRO A 158 4.92 19.10 10.01
C PRO A 158 4.95 17.59 10.19
N PHE A 159 6.02 17.04 10.79
CA PHE A 159 6.18 15.58 10.83
C PHE A 159 5.07 14.90 11.61
N GLY A 160 4.56 15.54 12.66
CA GLY A 160 3.54 14.92 13.49
C GLY A 160 2.27 14.58 12.75
N ASP A 161 1.99 15.25 11.63
CA ASP A 161 0.78 15.04 10.85
C ASP A 161 0.98 14.12 9.65
N PHE A 162 2.19 13.58 9.45
CA PHE A 162 2.46 12.79 8.26
C PHE A 162 1.64 11.51 8.24
N MET A 163 1.70 10.72 9.32
CA MET A 163 1.19 9.36 9.30
C MET A 163 -0.21 9.20 9.88
N GLU A 164 -0.68 10.16 10.68
CA GLU A 164 -1.95 9.97 11.37
C GLU A 164 -3.14 9.75 10.43
N PRO A 165 -3.28 10.44 9.30
CA PRO A 165 -4.37 10.08 8.38
C PRO A 165 -4.25 8.68 7.81
N LYS A 166 -3.04 8.12 7.76
CA LYS A 166 -2.89 6.74 7.28
C LYS A 166 -3.30 5.75 8.35
N PHE A 167 -2.99 6.02 9.62
CA PHE A 167 -3.47 5.18 10.71
C PHE A 167 -5.00 5.16 10.75
N GLU A 168 -5.62 6.32 10.57
CA GLU A 168 -7.08 6.38 10.59
C GLU A 168 -7.69 5.55 9.48
N PHE A 169 -7.09 5.57 8.29
CA PHE A 169 -7.54 4.68 7.22
C PHE A 169 -7.32 3.23 7.59
N ALA A 170 -6.12 2.91 8.10
CA ALA A 170 -5.76 1.52 8.36
C ALA A 170 -6.69 0.89 9.39
N VAL A 171 -7.09 1.64 10.41
CA VAL A 171 -8.00 1.10 11.41
C VAL A 171 -9.35 0.77 10.78
N LYS A 172 -9.84 1.64 9.89
CA LYS A 172 -11.11 1.38 9.22
C LYS A 172 -10.99 0.30 8.15
N PHE A 173 -9.86 0.23 7.46
CA PHE A 173 -9.68 -0.80 6.43
C PHE A 173 -9.46 -2.17 7.04
N ASN A 174 -8.71 -2.24 8.15
CA ASN A 174 -8.47 -3.53 8.81
C ASN A 174 -9.71 -4.06 9.51
N ALA A 175 -10.67 -3.19 9.83
CA ALA A 175 -11.92 -3.65 10.43
C ALA A 175 -12.73 -4.50 9.46
N LEU A 176 -12.43 -4.44 8.16
CA LEU A 176 -13.09 -5.29 7.18
C LEU A 176 -12.58 -6.73 7.23
N GLU A 177 -11.41 -6.95 7.82
CA GLU A 177 -10.87 -8.29 8.08
C GLU A 177 -10.65 -9.08 6.79
N LEU A 178 -10.11 -8.40 5.78
CA LEU A 178 -9.73 -9.08 4.55
C LEU A 178 -8.48 -9.92 4.78
N ASP A 179 -8.37 -11.01 4.02
CA ASP A 179 -7.16 -11.81 4.00
C ASP A 179 -6.45 -11.61 2.66
N ASP A 180 -5.34 -12.32 2.49
CA ASP A 180 -4.55 -12.16 1.27
C ASP A 180 -5.29 -12.62 0.03
N SER A 181 -6.19 -13.60 0.18
CA SER A 181 -7.03 -13.99 -0.95
C SER A 181 -7.91 -12.84 -1.42
N ASP A 182 -8.53 -12.13 -0.47
CA ASP A 182 -9.34 -10.98 -0.83
C ASP A 182 -8.48 -9.86 -1.41
N LEU A 183 -7.33 -9.60 -0.78
CA LEU A 183 -6.51 -8.48 -1.18
C LEU A 183 -5.97 -8.64 -2.60
N ALA A 184 -5.73 -9.88 -3.04
CA ALA A 184 -5.17 -10.11 -4.36
C ALA A 184 -6.10 -9.61 -5.45
N ILE A 185 -7.41 -9.82 -5.29
CA ILE A 185 -8.36 -9.33 -6.28
C ILE A 185 -8.55 -7.83 -6.15
N PHE A 186 -8.58 -7.32 -4.91
CA PHE A 186 -8.75 -5.89 -4.69
C PHE A 186 -7.62 -5.09 -5.33
N ILE A 187 -6.38 -5.58 -5.21
CA ILE A 187 -5.25 -4.90 -5.83
C ILE A 187 -5.40 -4.85 -7.34
N ALA A 188 -5.83 -5.96 -7.94
CA ALA A 188 -6.03 -5.99 -9.38
C ALA A 188 -7.12 -5.01 -9.82
N VAL A 189 -8.18 -4.88 -9.02
CA VAL A 189 -9.25 -3.93 -9.34
C VAL A 189 -8.70 -2.50 -9.32
N ILE A 190 -7.83 -2.20 -8.36
CA ILE A 190 -7.24 -0.86 -8.28
C ILE A 190 -6.44 -0.55 -9.54
N ILE A 191 -5.66 -1.52 -10.02
CA ILE A 191 -4.81 -1.29 -11.19
C ILE A 191 -5.66 -0.99 -12.42
N LEU A 192 -6.72 -1.76 -12.63
CA LEU A 192 -7.56 -1.63 -13.82
C LEU A 192 -8.64 -0.57 -13.65
N SER A 193 -8.24 0.61 -13.19
CA SER A 193 -9.17 1.72 -12.99
C SER A 193 -9.25 2.55 -14.27
N GLY A 194 -10.42 2.55 -14.90
CA GLY A 194 -10.60 3.28 -16.14
C GLY A 194 -10.70 4.78 -16.01
N ASP A 195 -10.57 5.33 -14.80
CA ASP A 195 -10.74 6.75 -14.56
C ASP A 195 -9.41 7.49 -14.48
N ARG A 196 -8.30 6.83 -14.73
CA ARG A 196 -7.01 7.49 -14.64
C ARG A 196 -6.89 8.55 -15.74
N PRO A 197 -6.41 9.74 -15.42
CA PRO A 197 -6.19 10.76 -16.46
C PRO A 197 -5.12 10.31 -17.44
N GLY A 198 -5.36 10.60 -18.72
CA GLY A 198 -4.42 10.28 -19.77
C GLY A 198 -4.57 8.92 -20.41
N LEU A 199 -5.54 8.11 -19.98
CA LEU A 199 -5.77 6.82 -20.60
C LEU A 199 -6.22 6.99 -22.04
N LEU A 200 -5.73 6.12 -22.92
CA LEU A 200 -6.05 6.20 -24.34
C LEU A 200 -7.25 5.34 -24.72
N ASN A 201 -7.33 4.12 -24.19
CA ASN A 201 -8.40 3.18 -24.50
C ASN A 201 -9.05 2.75 -23.20
N VAL A 202 -10.08 3.49 -22.77
CA VAL A 202 -10.73 3.17 -21.50
C VAL A 202 -11.54 1.89 -21.62
N LYS A 203 -12.15 1.65 -22.79
CA LYS A 203 -13.06 0.51 -22.94
C LYS A 203 -12.39 -0.83 -22.66
N PRO A 204 -11.25 -1.20 -23.26
CA PRO A 204 -10.65 -2.50 -22.91
C PRO A 204 -10.20 -2.60 -21.47
N ILE A 205 -9.89 -1.47 -20.84
CA ILE A 205 -9.52 -1.48 -19.43
C ILE A 205 -10.72 -1.86 -18.56
N GLU A 206 -11.87 -1.21 -18.81
CA GLU A 206 -13.05 -1.50 -18.01
C GLU A 206 -13.58 -2.91 -18.27
N ASP A 207 -13.37 -3.44 -19.47
CA ASP A 207 -13.74 -4.83 -19.75
C ASP A 207 -13.00 -5.79 -18.82
N ILE A 208 -11.73 -5.51 -18.56
CA ILE A 208 -10.97 -6.36 -17.63
C ILE A 208 -11.44 -6.14 -16.20
N GLN A 209 -11.64 -4.87 -15.82
CA GLN A 209 -12.05 -4.59 -14.44
C GLN A 209 -13.44 -5.14 -14.16
N ASP A 210 -14.34 -5.09 -15.15
CA ASP A 210 -15.65 -5.74 -15.01
C ASP A 210 -15.47 -7.20 -14.60
N ASN A 211 -14.53 -7.90 -15.23
CA ASN A 211 -14.28 -9.29 -14.88
C ASN A 211 -13.69 -9.41 -13.48
N LEU A 212 -12.76 -8.52 -13.12
CA LEU A 212 -12.17 -8.55 -11.79
C LEU A 212 -13.20 -8.20 -10.71
N LEU A 213 -14.14 -7.31 -11.02
CA LEU A 213 -15.16 -6.94 -10.05
C LEU A 213 -16.12 -8.09 -9.78
N GLN A 214 -16.47 -8.86 -10.81
CA GLN A 214 -17.29 -10.06 -10.61
C GLN A 214 -16.56 -11.07 -9.75
N ALA A 215 -15.27 -11.29 -10.03
CA ALA A 215 -14.48 -12.23 -9.24
C ALA A 215 -14.34 -11.77 -7.81
N LEU A 216 -14.21 -10.45 -7.60
CA LEU A 216 -14.14 -9.92 -6.24
C LEU A 216 -15.46 -10.08 -5.51
N GLU A 217 -16.57 -9.78 -6.18
CA GLU A 217 -17.88 -9.87 -5.55
C GLU A 217 -18.18 -11.30 -5.10
N LEU A 218 -17.86 -12.28 -5.95
CA LEU A 218 -18.08 -13.68 -5.59
C LEU A 218 -17.13 -14.11 -4.48
N GLN A 219 -15.88 -13.64 -4.51
CA GLN A 219 -14.93 -13.98 -3.47
C GLN A 219 -15.40 -13.50 -2.10
N LEU A 220 -15.93 -12.28 -2.04
CA LEU A 220 -16.36 -11.73 -0.76
C LEU A 220 -17.60 -12.44 -0.23
N LYS A 221 -18.51 -12.85 -1.12
CA LYS A 221 -19.67 -13.62 -0.69
C LYS A 221 -19.25 -14.96 -0.10
N LEU A 222 -18.28 -15.63 -0.74
CA LEU A 222 -17.84 -16.93 -0.25
C LEU A 222 -17.01 -16.81 1.02
N ASN A 223 -16.24 -15.75 1.16
CA ASN A 223 -15.23 -15.67 2.22
C ASN A 223 -15.71 -14.92 3.46
N HIS A 224 -16.78 -14.14 3.37
CA HIS A 224 -17.22 -13.28 4.47
C HIS A 224 -18.73 -13.33 4.61
N PRO A 225 -19.27 -14.44 5.13
CA PRO A 225 -20.73 -14.55 5.25
C PRO A 225 -21.34 -13.55 6.20
N GLU A 226 -20.59 -13.07 7.20
CA GLU A 226 -21.13 -12.20 8.23
C GLU A 226 -20.90 -10.72 7.93
N SER A 227 -20.68 -10.36 6.66
CA SER A 227 -20.46 -8.98 6.26
C SER A 227 -21.49 -8.60 5.20
N SER A 228 -22.49 -7.83 5.60
CA SER A 228 -23.44 -7.28 4.64
C SER A 228 -22.80 -6.14 3.89
N GLN A 229 -22.91 -6.17 2.55
CA GLN A 229 -22.43 -5.09 1.69
C GLN A 229 -20.92 -4.89 1.79
N LEU A 230 -20.16 -5.97 2.00
CA LEU A 230 -18.72 -5.84 2.08
C LEU A 230 -18.13 -5.39 0.75
N PHE A 231 -18.70 -5.86 -0.36
CA PHE A 231 -18.29 -5.41 -1.69
C PHE A 231 -18.36 -3.89 -1.79
N ALA A 232 -19.48 -3.31 -1.37
CA ALA A 232 -19.65 -1.86 -1.44
C ALA A 232 -18.72 -1.14 -0.46
N LYS A 233 -18.63 -1.63 0.78
CA LYS A 233 -17.75 -1.00 1.75
C LYS A 233 -16.30 -1.01 1.28
N LEU A 234 -15.87 -2.10 0.65
CA LEU A 234 -14.49 -2.20 0.18
C LEU A 234 -14.24 -1.23 -0.97
N LEU A 235 -15.20 -1.11 -1.89
CA LEU A 235 -15.03 -0.17 -3.00
C LEU A 235 -14.99 1.28 -2.50
N GLN A 236 -15.71 1.58 -1.42
CA GLN A 236 -15.67 2.92 -0.86
C GLN A 236 -14.31 3.22 -0.24
N LYS A 237 -13.57 2.20 0.19
CA LYS A 237 -12.23 2.42 0.72
C LYS A 237 -11.28 2.98 -0.33
N MET A 238 -11.60 2.80 -1.62
CA MET A 238 -10.76 3.39 -2.66
C MET A 238 -10.86 4.91 -2.66
N THR A 239 -11.97 5.45 -2.17
CA THR A 239 -12.07 6.90 -2.01
C THR A 239 -11.08 7.39 -0.95
N ASP A 240 -10.94 6.64 0.15
CA ASP A 240 -10.01 7.03 1.20
C ASP A 240 -8.56 6.90 0.73
N LEU A 241 -8.26 5.84 -0.04
CA LEU A 241 -6.93 5.68 -0.61
C LEU A 241 -6.56 6.87 -1.48
N ARG A 242 -7.46 7.25 -2.39
CA ARG A 242 -7.18 8.33 -3.32
C ARG A 242 -6.94 9.65 -2.59
N GLN A 243 -7.72 9.91 -1.54
CA GLN A 243 -7.57 11.17 -0.81
C GLN A 243 -6.21 11.24 -0.12
N ILE A 244 -5.73 10.12 0.43
CA ILE A 244 -4.42 10.11 1.08
C ILE A 244 -3.32 10.43 0.08
N VAL A 245 -3.38 9.80 -1.10
CA VAL A 245 -2.39 10.09 -2.14
C VAL A 245 -2.49 11.55 -2.59
N THR A 246 -3.72 12.05 -2.76
CA THR A 246 -3.90 13.43 -3.19
C THR A 246 -3.31 14.41 -2.19
N GLU A 247 -3.45 14.11 -0.90
CA GLU A 247 -3.00 15.03 0.14
C GLU A 247 -1.49 15.08 0.29
N HIS A 248 -0.74 14.21 -0.39
CA HIS A 248 0.72 14.31 -0.34
C HIS A 248 1.22 15.52 -1.11
N VAL A 249 0.48 15.95 -2.14
CA VAL A 249 0.85 17.17 -2.85
C VAL A 249 0.65 18.39 -1.96
N GLN A 250 -0.47 18.42 -1.23
CA GLN A 250 -0.70 19.51 -0.28
C GLN A 250 0.35 19.51 0.83
N LEU A 251 0.83 18.33 1.23
CA LEU A 251 1.84 18.24 2.27
C LEU A 251 3.14 18.91 1.86
N LEU A 252 3.45 18.92 0.56
CA LEU A 252 4.66 19.58 0.09
C LEU A 252 4.58 21.09 0.30
N GLN A 253 3.39 21.67 0.12
CA GLN A 253 3.24 23.11 0.26
C GLN A 253 3.31 23.54 1.72
N VAL A 254 2.91 22.65 2.64
CA VAL A 254 3.06 22.94 4.06
C VAL A 254 4.55 23.04 4.43
N ILE A 255 5.40 22.23 3.78
CA ILE A 255 6.82 22.25 4.07
C ILE A 255 7.47 23.52 3.52
N LYS A 256 7.11 23.91 2.30
CA LYS A 256 7.67 25.11 1.69
C LYS A 256 7.26 26.39 2.40
N LYS A 257 6.28 26.34 3.28
CA LYS A 257 5.79 27.52 4.00
C LYS A 257 6.16 27.52 5.46
N THR A 258 6.75 26.45 5.98
CA THR A 258 7.12 26.36 7.38
C THR A 258 8.54 26.91 7.55
N GLU A 259 8.66 28.04 8.24
CA GLU A 259 9.96 28.60 8.58
C GLU A 259 10.34 28.33 10.03
N THR A 260 9.71 27.36 10.66
CA THR A 260 10.04 26.98 12.03
C THR A 260 11.13 25.90 12.01
N ASP A 261 11.42 25.32 13.17
CA ASP A 261 12.42 24.27 13.25
C ASP A 261 11.94 23.04 12.48
N MET A 262 12.77 22.59 11.54
CA MET A 262 12.46 21.41 10.74
C MET A 262 13.46 20.28 10.96
N SER A 263 14.32 20.39 11.97
CA SER A 263 15.29 19.33 12.25
C SER A 263 14.59 18.16 12.92
N LEU A 264 15.05 16.95 12.58
CA LEU A 264 14.50 15.73 13.13
C LEU A 264 15.64 14.79 13.50
N HIS A 265 15.43 14.02 14.56
CA HIS A 265 16.44 13.08 15.01
C HIS A 265 16.82 12.14 13.87
N PRO A 266 18.12 11.90 13.63
CA PRO A 266 18.51 11.07 12.47
C PRO A 266 17.88 9.69 12.47
N LEU A 267 17.61 9.10 13.64
CA LEU A 267 16.95 7.80 13.67
C LEU A 267 15.50 7.91 13.22
N LEU A 268 14.83 9.02 13.57
CA LEU A 268 13.46 9.23 13.10
C LEU A 268 13.43 9.43 11.58
N GLN A 269 14.41 10.15 11.04
CA GLN A 269 14.48 10.32 9.59
C GLN A 269 14.58 8.97 8.88
N GLU A 270 15.33 8.03 9.48
CA GLU A 270 15.47 6.70 8.88
C GLU A 270 14.18 5.91 8.98
N ILE A 271 13.44 6.07 10.08
CA ILE A 271 12.19 5.34 10.23
C ILE A 271 11.16 5.84 9.22
N TYR A 272 11.07 7.16 9.03
CA TYR A 272 10.11 7.70 8.08
C TYR A 272 10.38 7.22 6.66
N LYS A 273 11.66 7.02 6.31
CA LYS A 273 11.99 6.53 4.98
C LYS A 273 11.50 5.11 4.75
N ASP A 274 11.19 4.36 5.80
CA ASP A 274 10.58 3.04 5.66
C ASP A 274 9.07 3.11 5.56
N LEU A 275 8.49 4.31 5.57
CA LEU A 275 7.05 4.50 5.51
C LEU A 275 6.67 5.15 4.18
N TYR A 276 5.46 5.69 4.10
CA TYR A 276 4.95 6.25 2.85
C TYR A 276 3.84 7.25 3.11
N SER B 4 11.07 11.98 -10.36
CA SER B 4 10.15 11.55 -9.32
C SER B 4 8.89 10.94 -9.94
N ASN B 5 8.36 11.62 -10.96
CA ASN B 5 7.22 11.13 -11.72
C ASN B 5 7.68 10.41 -12.98
N LEU B 6 8.49 11.09 -13.80
CA LEU B 6 9.13 10.39 -14.91
C LEU B 6 10.13 9.37 -14.40
N GLY B 7 10.68 9.59 -13.21
CA GLY B 7 11.48 8.56 -12.57
C GLY B 7 10.67 7.31 -12.30
N LEU B 8 9.47 7.48 -11.77
CA LEU B 8 8.58 6.34 -11.53
C LEU B 8 8.13 5.71 -12.85
N GLU B 9 7.79 6.54 -13.84
CA GLU B 9 7.38 6.02 -15.14
C GLU B 9 8.48 5.18 -15.78
N ASP B 10 9.74 5.58 -15.57
CA ASP B 10 10.86 4.81 -16.13
C ASP B 10 11.12 3.54 -15.34
N ILE B 11 10.96 3.59 -14.02
CA ILE B 11 11.01 2.37 -13.22
C ILE B 11 9.95 1.38 -13.69
N ILE B 12 8.74 1.89 -13.94
CA ILE B 12 7.64 1.03 -14.36
C ILE B 12 7.86 0.53 -15.79
N ARG B 13 8.39 1.39 -16.67
CA ARG B 13 8.66 0.96 -18.04
C ARG B 13 9.72 -0.14 -18.06
N LYS B 14 10.78 0.02 -17.27
CA LYS B 14 11.83 -1.01 -17.23
C LYS B 14 11.31 -2.31 -16.64
N ALA B 15 10.49 -2.22 -15.59
CA ALA B 15 9.96 -3.43 -14.96
C ALA B 15 9.00 -4.16 -15.89
N LEU B 16 8.34 -3.44 -16.80
CA LEU B 16 7.45 -4.07 -17.77
C LEU B 16 8.18 -4.77 -18.90
N MET B 17 9.48 -4.53 -19.06
CA MET B 17 10.25 -5.16 -20.12
C MET B 17 10.40 -6.66 -19.86
#